data_1BZ9
#
_entry.id   1BZ9
#
_cell.length_a   91.350
_cell.length_b   109.190
_cell.length_c   57.780
_cell.angle_alpha   90.00
_cell.angle_beta   122.81
_cell.angle_gamma   90.00
#
_symmetry.space_group_name_H-M   'C 1 2 1'
#
loop_
_entity.id
_entity.type
_entity.pdbx_description
1 polymer 'PROTEIN (CLASS I HISTOCOMPATIBILITY ANTIGEN)'
2 polymer 'PROTEIN (CLASS I HISTOCOMPATIBILITY ANTIGEN)'
3 polymer 'PROTEIN (PEPTIDE P1027 (FAPGVFPYM))'
4 water water
#
loop_
_entity_poly.entity_id
_entity_poly.type
_entity_poly.pdbx_seq_one_letter_code
_entity_poly.pdbx_strand_id
1 'polypeptide(L)'
;PHSMRYFETAVSRPGLEEPRYISVGYVDNKEFVRFDSDAENPRYEPRAPWMEQEGPEYWERETQKAKGQEQWFRVSLRNL
LGYYNQSAGGSHTLQQMSGCDLGSDWRLLRGYLQFAYEGRDYIALNEDLKTWTAADMAAQITRRKWEQSGAAEHYKAYLE
GECVEWLHRYLKNGNATLLRTDSPKAHVTHHPRSKGEVTLRCWALGFYPADITLTWQLNGEELTQDMELVETRPAGDGTF
QKWASVVVPLGKEQNYTCRVYHEGLPEPLTLRWERWE
;
A
2 'polypeptide(L)'
;MIQKTPQIQVYSRHPPENGKPNILNCYVTQFHPPHIEIQMLKNGKKIPKVEMSDMSFSKDWSFYILAHTEFTPTETDTYA
CRVKHDSMAEPKTVYWDRDM
;
B
3 'polypeptide(L)' FAPGVFPYM C
#
# COMPACT_ATOMS: atom_id res chain seq x y z
N PRO A 1 3.44 8.56 18.91
CA PRO A 1 3.33 9.56 17.83
C PRO A 1 2.29 9.20 16.79
N HIS A 2 1.48 10.17 16.37
CA HIS A 2 0.40 9.98 15.43
C HIS A 2 0.58 10.76 14.14
N SER A 3 -0.17 10.40 13.09
CA SER A 3 -0.08 11.14 11.84
C SER A 3 -1.32 10.99 10.99
N MET A 4 -1.42 11.83 9.97
CA MET A 4 -2.50 11.79 9.00
C MET A 4 -1.89 12.14 7.64
N ARG A 5 -2.31 11.44 6.59
CA ARG A 5 -1.79 11.67 5.25
C ARG A 5 -2.94 11.61 4.26
N TYR A 6 -2.66 12.02 3.04
CA TYR A 6 -3.61 12.00 1.96
C TYR A 6 -2.76 11.69 0.73
N PHE A 7 -2.87 10.47 0.22
CA PHE A 7 -2.16 10.08 -0.99
C PHE A 7 -3.14 10.36 -2.13
N GLU A 8 -2.82 11.28 -3.03
CA GLU A 8 -3.71 11.57 -4.15
C GLU A 8 -3.05 11.28 -5.47
N THR A 9 -3.86 10.90 -6.46
CA THR A 9 -3.36 10.53 -7.76
C THR A 9 -4.28 11.03 -8.84
N ALA A 10 -3.71 11.47 -9.94
CA ALA A 10 -4.48 11.89 -11.07
C ALA A 10 -3.76 11.26 -12.26
N VAL A 11 -4.42 10.27 -12.86
CA VAL A 11 -3.81 9.62 -14.02
C VAL A 11 -4.53 9.97 -15.31
N SER A 12 -3.72 10.52 -16.22
CA SER A 12 -4.17 10.94 -17.54
C SER A 12 -4.58 9.73 -18.37
N ARG A 13 -5.64 9.93 -19.18
CA ARG A 13 -6.21 8.87 -19.99
C ARG A 13 -5.97 9.06 -21.49
N PRO A 14 -5.51 8.02 -22.18
CA PRO A 14 -5.26 8.05 -23.61
C PRO A 14 -6.55 8.31 -24.37
N GLY A 15 -6.66 9.52 -24.90
CA GLY A 15 -7.86 9.93 -25.62
C GLY A 15 -8.21 11.33 -25.16
N LEU A 16 -9.50 11.67 -25.16
CA LEU A 16 -9.94 12.98 -24.68
C LEU A 16 -10.51 12.81 -23.27
N GLU A 17 -10.44 11.58 -22.78
CA GLU A 17 -10.95 11.22 -21.46
C GLU A 17 -10.28 12.01 -20.34
N GLU A 18 -11.08 12.74 -19.57
CA GLU A 18 -10.58 13.54 -18.46
C GLU A 18 -9.83 12.63 -17.50
N PRO A 19 -8.76 13.11 -16.86
CA PRO A 19 -7.94 12.34 -15.94
C PRO A 19 -8.66 11.85 -14.70
N ARG A 20 -8.40 10.61 -14.33
CA ARG A 20 -8.97 9.98 -13.16
C ARG A 20 -8.27 10.48 -11.90
N TYR A 21 -9.05 10.97 -10.93
CA TYR A 21 -8.49 11.45 -9.67
C TYR A 21 -8.98 10.59 -8.52
N ILE A 22 -8.08 10.24 -7.62
CA ILE A 22 -8.37 9.36 -6.51
C ILE A 22 -7.65 9.94 -5.28
N SER A 23 -8.32 9.98 -4.14
CA SER A 23 -7.69 10.47 -2.92
C SER A 23 -7.97 9.49 -1.81
N VAL A 24 -6.97 9.22 -0.99
CA VAL A 24 -7.13 8.30 0.14
C VAL A 24 -6.56 8.98 1.40
N GLY A 25 -7.34 8.96 2.47
CA GLY A 25 -6.90 9.56 3.72
C GLY A 25 -6.37 8.45 4.60
N TYR A 26 -5.37 8.75 5.42
CA TYR A 26 -4.78 7.78 6.32
C TYR A 26 -4.50 8.35 7.71
N VAL A 27 -5.13 7.78 8.74
CA VAL A 27 -4.87 8.16 10.11
C VAL A 27 -4.10 7.00 10.73
N ASP A 28 -2.91 7.29 11.25
CA ASP A 28 -2.06 6.29 11.86
C ASP A 28 -1.92 5.09 10.96
N ASN A 29 -1.62 5.39 9.69
CA ASN A 29 -1.44 4.45 8.62
C ASN A 29 -2.66 3.65 8.21
N LYS A 30 -3.82 3.97 8.79
CA LYS A 30 -5.05 3.28 8.44
C LYS A 30 -5.87 4.16 7.54
N GLU A 31 -6.23 3.66 6.37
CA GLU A 31 -7.06 4.38 5.40
C GLU A 31 -8.38 4.70 6.10
N PHE A 32 -8.82 5.95 6.09
CA PHE A 32 -10.06 6.31 6.76
C PHE A 32 -11.12 6.92 5.84
N VAL A 33 -10.76 7.55 4.75
CA VAL A 33 -11.68 8.11 3.76
C VAL A 33 -11.10 7.89 2.37
N ARG A 34 -11.94 8.02 1.34
CA ARG A 34 -11.55 7.82 -0.04
C ARG A 34 -12.47 8.48 -1.05
N PHE A 35 -11.89 9.15 -2.05
CA PHE A 35 -12.64 9.77 -3.13
C PHE A 35 -12.12 9.19 -4.45
N ASP A 36 -13.00 8.97 -5.41
CA ASP A 36 -12.62 8.41 -6.69
C ASP A 36 -13.57 8.95 -7.75
N SER A 37 -12.99 9.52 -8.80
CA SER A 37 -13.75 10.09 -9.87
C SER A 37 -14.42 9.05 -10.76
N ASP A 38 -14.02 7.80 -10.65
CA ASP A 38 -14.59 6.76 -11.50
C ASP A 38 -15.95 6.27 -11.04
N ALA A 39 -16.23 6.47 -9.77
CA ALA A 39 -17.51 6.08 -9.18
C ALA A 39 -18.69 6.78 -9.85
N GLU A 40 -19.86 6.13 -9.81
CA GLU A 40 -21.09 6.69 -10.35
C GLU A 40 -21.52 7.94 -9.59
N ASN A 41 -21.25 7.96 -8.30
CA ASN A 41 -21.55 9.08 -7.42
C ASN A 41 -20.24 9.43 -6.69
N PRO A 42 -19.35 10.20 -7.34
CA PRO A 42 -18.06 10.58 -6.76
C PRO A 42 -18.24 11.39 -5.48
N ARG A 43 -17.89 10.79 -4.35
CA ARG A 43 -18.01 11.40 -3.03
C ARG A 43 -16.93 10.84 -2.11
N TYR A 44 -16.57 11.55 -1.04
CA TYR A 44 -15.57 11.05 -0.10
C TYR A 44 -16.31 10.05 0.78
N GLU A 45 -15.93 8.78 0.74
CA GLU A 45 -16.65 7.76 1.53
C GLU A 45 -15.90 7.27 2.75
N PRO A 46 -16.63 6.92 3.82
CA PRO A 46 -16.03 6.40 5.05
C PRO A 46 -15.27 5.14 4.71
N ARG A 47 -14.09 5.00 5.26
CA ARG A 47 -13.29 3.81 5.00
C ARG A 47 -12.91 3.10 6.26
N ALA A 48 -13.37 3.63 7.39
CA ALA A 48 -13.15 3.06 8.72
C ALA A 48 -14.47 3.29 9.44
N PRO A 49 -14.90 2.34 10.27
CA PRO A 49 -16.15 2.43 11.04
C PRO A 49 -16.29 3.66 11.92
N TRP A 50 -15.22 4.06 12.60
CA TRP A 50 -15.23 5.25 13.46
C TRP A 50 -15.40 6.55 12.69
N MET A 51 -15.57 6.46 11.38
CA MET A 51 -15.74 7.59 10.51
C MET A 51 -17.19 7.88 10.19
N GLU A 52 -18.05 6.89 10.39
CA GLU A 52 -19.48 7.03 10.12
C GLU A 52 -20.15 8.02 11.05
N GLN A 53 -19.44 8.42 12.09
CA GLN A 53 -19.90 9.36 13.07
C GLN A 53 -19.99 10.79 12.52
N GLU A 54 -19.53 11.01 11.30
CA GLU A 54 -19.53 12.31 10.68
C GLU A 54 -20.80 12.62 9.90
N GLY A 55 -21.35 13.81 10.13
CA GLY A 55 -22.57 14.20 9.45
C GLY A 55 -22.36 14.66 8.02
N PRO A 56 -23.44 14.88 7.27
CA PRO A 56 -23.42 15.32 5.88
C PRO A 56 -22.65 16.59 5.62
N GLU A 57 -22.64 17.53 6.57
CA GLU A 57 -21.88 18.76 6.39
C GLU A 57 -20.42 18.42 6.09
N TYR A 58 -19.90 17.41 6.77
CA TYR A 58 -18.55 16.93 6.58
C TYR A 58 -18.31 16.31 5.21
N TRP A 59 -19.10 15.30 4.88
CA TRP A 59 -18.99 14.59 3.60
C TRP A 59 -19.20 15.45 2.39
N GLU A 60 -19.97 16.52 2.51
CA GLU A 60 -20.19 17.42 1.37
C GLU A 60 -19.00 18.37 1.26
N ARG A 61 -18.49 18.79 2.42
CA ARG A 61 -17.38 19.71 2.46
C ARG A 61 -16.16 19.01 1.85
N GLU A 62 -15.90 17.78 2.31
CA GLU A 62 -14.76 17.03 1.80
C GLU A 62 -14.91 16.76 0.32
N THR A 63 -16.08 16.36 -0.13
CA THR A 63 -16.29 16.08 -1.55
C THR A 63 -16.12 17.34 -2.38
N GLN A 64 -16.45 18.49 -1.82
CA GLN A 64 -16.25 19.73 -2.57
C GLN A 64 -14.75 19.84 -2.83
N LYS A 65 -13.96 19.77 -1.77
CA LYS A 65 -12.50 19.83 -1.87
C LYS A 65 -11.87 18.87 -2.86
N ALA A 66 -12.38 17.64 -2.88
CA ALA A 66 -11.89 16.65 -3.82
C ALA A 66 -12.20 17.05 -5.24
N LYS A 67 -13.35 17.70 -5.47
CA LYS A 67 -13.67 18.10 -6.84
C LYS A 67 -12.86 19.32 -7.29
N GLY A 68 -12.37 20.08 -6.33
CA GLY A 68 -11.57 21.24 -6.66
C GLY A 68 -10.18 20.75 -7.00
N GLN A 69 -9.69 19.83 -6.17
CA GLN A 69 -8.41 19.20 -6.38
C GLN A 69 -8.40 18.41 -7.68
N GLU A 70 -9.56 17.90 -8.09
CA GLU A 70 -9.67 17.14 -9.32
C GLU A 70 -9.26 18.00 -10.49
N GLN A 71 -9.76 19.23 -10.49
CA GLN A 71 -9.42 20.19 -11.55
C GLN A 71 -8.00 20.76 -11.36
N TRP A 72 -7.51 20.80 -10.13
CA TRP A 72 -6.16 21.27 -9.84
C TRP A 72 -5.14 20.37 -10.50
N PHE A 73 -5.43 19.07 -10.50
CA PHE A 73 -4.55 18.10 -11.12
C PHE A 73 -4.71 18.15 -12.64
N ARG A 74 -5.91 18.38 -13.15
CA ARG A 74 -6.15 18.45 -14.58
C ARG A 74 -5.28 19.51 -15.24
N VAL A 75 -5.11 20.62 -14.53
CA VAL A 75 -4.30 21.73 -15.03
C VAL A 75 -2.82 21.42 -14.90
N SER A 76 -2.39 21.17 -13.67
CA SER A 76 -0.99 20.92 -13.41
C SER A 76 -0.46 19.77 -14.26
N LEU A 77 -1.30 18.76 -14.44
CA LEU A 77 -0.98 17.61 -15.26
C LEU A 77 -0.81 18.12 -16.70
N ARG A 78 -1.56 19.17 -17.06
CA ARG A 78 -1.47 19.77 -18.37
C ARG A 78 -0.18 20.59 -18.46
N ASN A 79 0.19 21.26 -17.36
CA ASN A 79 1.39 22.07 -17.36
C ASN A 79 2.65 21.20 -17.42
N LEU A 80 2.67 20.11 -16.68
CA LEU A 80 3.83 19.23 -16.68
C LEU A 80 4.15 18.70 -18.07
N LEU A 81 3.11 18.54 -18.89
CA LEU A 81 3.25 18.08 -20.26
C LEU A 81 4.16 19.04 -20.98
N GLY A 82 3.83 20.33 -20.89
CA GLY A 82 4.65 21.37 -21.50
C GLY A 82 6.04 21.30 -20.92
N TYR A 83 6.17 21.41 -19.62
CA TYR A 83 7.46 21.37 -18.95
C TYR A 83 8.32 20.21 -19.46
N TYR A 84 7.69 19.07 -19.75
CA TYR A 84 8.44 17.90 -20.16
C TYR A 84 8.38 17.57 -21.64
N ASN A 85 7.77 18.45 -22.42
CA ASN A 85 7.72 18.23 -23.86
C ASN A 85 7.04 16.90 -24.10
N GLN A 86 5.91 16.69 -23.41
CA GLN A 86 5.21 15.44 -23.62
C GLN A 86 4.06 15.68 -24.57
N SER A 87 3.66 14.62 -25.27
CA SER A 87 2.65 14.72 -26.28
C SER A 87 1.20 14.75 -25.82
N ALA A 88 0.35 15.01 -26.81
CA ALA A 88 -1.09 15.17 -26.73
C ALA A 88 -1.84 14.21 -25.82
N GLY A 89 -1.57 12.91 -25.95
CA GLY A 89 -2.29 11.96 -25.12
C GLY A 89 -1.65 10.61 -24.96
N GLY A 90 -1.09 10.40 -23.77
CA GLY A 90 -0.44 9.14 -23.44
C GLY A 90 -0.80 8.86 -21.99
N SER A 91 -0.04 8.00 -21.35
CA SER A 91 -0.31 7.67 -19.96
C SER A 91 0.60 8.55 -19.12
N HIS A 92 0.02 9.39 -18.28
CA HIS A 92 0.78 10.28 -17.42
C HIS A 92 0.22 10.24 -16.00
N THR A 93 1.08 10.12 -15.01
CA THR A 93 0.59 10.03 -13.64
C THR A 93 1.25 11.04 -12.71
N LEU A 94 0.42 11.70 -11.92
CA LEU A 94 0.84 12.68 -10.94
C LEU A 94 0.22 12.33 -9.59
N GLN A 95 1.02 12.28 -8.55
CA GLN A 95 0.56 11.92 -7.22
C GLN A 95 1.12 12.92 -6.22
N GLN A 96 0.50 13.10 -5.07
CA GLN A 96 1.02 13.98 -4.04
C GLN A 96 0.73 13.39 -2.67
N MET A 97 1.70 13.47 -1.76
CA MET A 97 1.55 12.99 -0.40
C MET A 97 1.66 14.15 0.57
N SER A 98 0.62 14.39 1.34
CA SER A 98 0.62 15.49 2.32
C SER A 98 0.05 14.98 3.63
N GLY A 99 0.40 15.64 4.72
CA GLY A 99 -0.09 15.20 6.02
C GLY A 99 0.74 15.84 7.11
N CYS A 100 0.72 15.26 8.31
CA CYS A 100 1.44 15.84 9.43
C CYS A 100 1.61 14.83 10.56
N ASP A 101 2.78 14.84 11.20
CA ASP A 101 3.08 13.96 12.31
C ASP A 101 2.90 14.73 13.62
N LEU A 102 2.54 14.01 14.66
CA LEU A 102 2.35 14.60 15.97
C LEU A 102 3.24 13.81 16.92
N GLY A 103 4.16 14.52 17.56
CA GLY A 103 5.07 13.86 18.47
C GLY A 103 4.32 13.25 19.63
N SER A 104 5.08 12.86 20.65
CA SER A 104 4.51 12.30 21.86
C SER A 104 3.78 13.36 22.64
N ASP A 105 4.15 14.62 22.44
CA ASP A 105 3.53 15.74 23.12
C ASP A 105 2.32 16.30 22.40
N TRP A 106 1.84 15.58 21.39
CA TRP A 106 0.67 16.00 20.61
C TRP A 106 0.78 17.35 19.90
N ARG A 107 1.98 17.88 19.83
CA ARG A 107 2.31 19.09 19.12
C ARG A 107 2.96 18.69 17.79
N LEU A 108 2.77 19.50 16.75
CA LEU A 108 3.33 19.21 15.44
C LEU A 108 4.82 18.87 15.46
N LEU A 109 5.15 17.74 14.86
CA LEU A 109 6.51 17.21 14.78
C LEU A 109 7.10 17.57 13.41
N ARG A 110 6.30 17.35 12.38
CA ARG A 110 6.71 17.56 11.01
C ARG A 110 5.47 17.69 10.14
N GLY A 111 5.58 18.41 9.05
CA GLY A 111 4.48 18.58 8.13
C GLY A 111 5.07 18.14 6.80
N TYR A 112 4.25 17.57 5.92
CA TYR A 112 4.74 17.07 4.65
C TYR A 112 3.93 17.61 3.50
N LEU A 113 4.55 17.60 2.33
CA LEU A 113 3.92 18.06 1.10
C LEU A 113 4.92 17.73 0.01
N GLN A 114 4.57 16.78 -0.87
CA GLN A 114 5.48 16.42 -1.93
C GLN A 114 4.77 15.83 -3.13
N PHE A 115 5.33 16.05 -4.30
CA PHE A 115 4.77 15.61 -5.55
C PHE A 115 5.77 14.73 -6.26
N ALA A 116 5.26 14.00 -7.24
CA ALA A 116 6.06 13.08 -8.02
C ALA A 116 5.36 12.96 -9.35
N TYR A 117 6.12 13.15 -10.42
CA TYR A 117 5.55 13.03 -11.76
C TYR A 117 6.13 11.73 -12.29
N GLU A 118 5.26 10.86 -12.79
CA GLU A 118 5.71 9.59 -13.36
C GLU A 118 6.46 8.71 -12.37
N GLY A 119 6.00 8.69 -11.11
CA GLY A 119 6.66 7.87 -10.12
C GLY A 119 8.01 8.33 -9.61
N ARG A 120 8.54 9.42 -10.18
CA ARG A 120 9.80 10.00 -9.79
C ARG A 120 9.55 11.27 -9.00
N ASP A 121 10.40 11.57 -8.02
CA ASP A 121 10.22 12.79 -7.25
C ASP A 121 10.20 14.01 -8.15
N TYR A 122 9.39 15.00 -7.79
CA TYR A 122 9.26 16.24 -8.57
C TYR A 122 9.61 17.43 -7.70
N ILE A 123 8.81 17.70 -6.67
CA ILE A 123 9.06 18.83 -5.78
C ILE A 123 8.48 18.58 -4.40
N ALA A 124 9.30 18.79 -3.38
CA ALA A 124 8.91 18.59 -2.00
C ALA A 124 9.11 19.86 -1.18
N LEU A 125 8.28 20.01 -0.16
CA LEU A 125 8.31 21.11 0.77
C LEU A 125 9.21 20.66 1.91
N ASN A 126 10.24 21.44 2.18
CA ASN A 126 11.17 21.06 3.24
C ASN A 126 10.50 21.19 4.60
N GLU A 127 11.12 20.56 5.59
CA GLU A 127 10.61 20.54 6.95
C GLU A 127 10.41 21.91 7.59
N ASP A 128 10.93 22.97 6.99
CA ASP A 128 10.74 24.31 7.55
C ASP A 128 9.44 24.90 7.04
N LEU A 129 8.73 24.18 6.20
CA LEU A 129 7.46 24.64 5.67
C LEU A 129 7.60 26.01 5.03
N LYS A 130 8.74 26.30 4.43
CA LYS A 130 9.01 27.57 3.76
C LYS A 130 9.71 27.38 2.41
N THR A 131 10.80 26.63 2.39
CA THR A 131 11.60 26.40 1.19
C THR A 131 11.27 25.10 0.45
N TRP A 132 11.55 25.06 -0.85
CA TRP A 132 11.25 23.86 -1.63
C TRP A 132 12.52 23.18 -2.16
N THR A 133 12.35 21.90 -2.46
CA THR A 133 13.38 21.07 -3.04
C THR A 133 12.85 20.60 -4.39
N ALA A 134 13.40 21.09 -5.47
CA ALA A 134 12.99 20.70 -6.81
C ALA A 134 13.91 19.55 -7.17
N ALA A 135 13.36 18.53 -7.81
CA ALA A 135 14.14 17.34 -8.16
C ALA A 135 15.00 17.49 -9.40
N ASP A 136 14.51 18.23 -10.40
CA ASP A 136 15.26 18.36 -11.63
C ASP A 136 15.07 19.75 -12.22
N MET A 137 15.57 19.92 -13.43
CA MET A 137 15.46 21.18 -14.11
C MET A 137 14.03 21.51 -14.47
N ALA A 138 13.17 20.49 -14.56
CA ALA A 138 11.77 20.73 -14.88
C ALA A 138 11.05 21.35 -13.66
N ALA A 139 11.30 20.76 -12.49
CA ALA A 139 10.72 21.19 -11.23
C ALA A 139 11.19 22.56 -10.80
N GLN A 140 12.15 23.11 -11.53
CA GLN A 140 12.67 24.43 -11.28
C GLN A 140 11.66 25.50 -11.67
N ILE A 141 10.95 25.29 -12.76
CA ILE A 141 9.93 26.21 -13.22
C ILE A 141 8.79 26.32 -12.21
N THR A 142 8.37 25.20 -11.64
CA THR A 142 7.30 25.12 -10.65
C THR A 142 7.73 25.79 -9.35
N ARG A 143 8.91 25.43 -8.86
CA ARG A 143 9.46 25.99 -7.62
C ARG A 143 9.56 27.51 -7.69
N ARG A 144 10.10 28.03 -8.79
CA ARG A 144 10.23 29.47 -8.99
C ARG A 144 8.85 30.11 -9.04
N LYS A 145 7.88 29.37 -9.55
CA LYS A 145 6.50 29.80 -9.65
C LYS A 145 5.90 29.82 -8.24
N TRP A 146 6.26 28.80 -7.46
CA TRP A 146 5.78 28.64 -6.10
C TRP A 146 6.49 29.55 -5.12
N GLU A 147 7.65 30.05 -5.52
CA GLU A 147 8.39 31.00 -4.71
C GLU A 147 7.76 32.37 -4.99
N GLN A 148 7.43 32.62 -6.24
CA GLN A 148 6.79 33.87 -6.62
C GLN A 148 5.47 34.00 -5.86
N SER A 149 4.55 33.07 -6.09
CA SER A 149 3.23 33.10 -5.47
C SER A 149 3.15 32.90 -3.96
N GLY A 150 4.25 32.55 -3.31
CA GLY A 150 4.26 32.33 -1.87
C GLY A 150 3.40 31.15 -1.46
N ALA A 151 3.35 30.14 -2.34
CA ALA A 151 2.55 28.95 -2.11
C ALA A 151 2.89 28.26 -0.81
N ALA A 152 4.17 28.17 -0.51
CA ALA A 152 4.63 27.50 0.69
C ALA A 152 3.91 27.95 1.94
N GLU A 153 3.76 29.25 2.09
CA GLU A 153 3.11 29.80 3.29
C GLU A 153 1.68 29.31 3.47
N HIS A 154 0.96 29.12 2.36
CA HIS A 154 -0.41 28.63 2.41
C HIS A 154 -0.48 27.14 2.69
N TYR A 155 0.62 26.41 2.54
CA TYR A 155 0.56 25.01 2.90
C TYR A 155 1.00 24.86 4.35
N LYS A 156 1.79 25.82 4.81
CA LYS A 156 2.25 25.85 6.20
C LYS A 156 1.01 25.95 7.10
N ALA A 157 0.07 26.79 6.72
CA ALA A 157 -1.17 26.98 7.46
C ALA A 157 -2.01 25.72 7.62
N TYR A 158 -2.30 25.06 6.49
CA TYR A 158 -3.05 23.82 6.53
C TYR A 158 -2.30 22.82 7.38
N LEU A 159 -0.99 22.68 7.17
CA LEU A 159 -0.22 21.72 7.95
C LEU A 159 -0.17 21.99 9.44
N GLU A 160 0.12 23.21 9.85
CA GLU A 160 0.24 23.48 11.29
C GLU A 160 -1.09 23.61 12.01
N GLY A 161 -2.13 24.02 11.31
CA GLY A 161 -3.42 24.23 11.93
C GLY A 161 -4.55 23.26 11.62
N GLU A 162 -4.99 23.20 10.37
CA GLU A 162 -6.09 22.31 10.02
C GLU A 162 -5.78 20.82 10.02
N CYS A 163 -4.59 20.44 9.63
CA CYS A 163 -4.14 19.07 9.62
C CYS A 163 -3.97 18.59 11.05
N VAL A 164 -3.38 19.44 11.89
CA VAL A 164 -3.14 19.11 13.28
C VAL A 164 -4.50 19.03 13.97
N GLU A 165 -5.37 19.97 13.65
CA GLU A 165 -6.67 20.07 14.31
C GLU A 165 -7.50 18.85 14.06
N TRP A 166 -7.54 18.48 12.79
CA TRP A 166 -8.35 17.34 12.38
C TRP A 166 -7.76 15.99 12.72
N LEU A 167 -6.46 15.91 12.91
CA LEU A 167 -5.87 14.63 13.29
C LEU A 167 -6.23 14.37 14.76
N HIS A 168 -6.19 15.44 15.56
CA HIS A 168 -6.53 15.32 16.98
C HIS A 168 -7.94 14.77 17.14
N ARG A 169 -8.83 15.16 16.25
CA ARG A 169 -10.21 14.75 16.26
C ARG A 169 -10.48 13.32 15.80
N TYR A 170 -9.87 12.90 14.69
CA TYR A 170 -10.08 11.52 14.23
C TYR A 170 -9.44 10.58 15.23
N LEU A 171 -8.36 11.03 15.86
CA LEU A 171 -7.69 10.23 16.86
C LEU A 171 -8.61 9.98 18.04
N LYS A 172 -9.48 10.93 18.32
CA LYS A 172 -10.41 10.82 19.42
C LYS A 172 -11.57 9.92 19.00
N ASN A 173 -12.02 10.07 17.77
CA ASN A 173 -13.11 9.25 17.25
C ASN A 173 -12.69 7.78 17.14
N GLY A 174 -11.49 7.52 16.65
CA GLY A 174 -11.02 6.17 16.51
C GLY A 174 -10.02 5.85 17.62
N ASN A 175 -10.50 5.70 18.85
CA ASN A 175 -9.64 5.41 20.00
C ASN A 175 -9.15 3.97 19.97
N ALA A 176 -9.98 3.11 20.55
CA ALA A 176 -9.68 1.69 20.67
C ALA A 176 -9.55 1.05 19.30
N THR A 177 -10.42 1.41 18.38
CA THR A 177 -10.37 0.83 17.06
C THR A 177 -9.01 0.91 16.38
N LEU A 178 -8.40 2.09 16.34
CA LEU A 178 -7.10 2.26 15.68
C LEU A 178 -6.00 1.54 16.45
N LEU A 179 -6.18 1.41 17.76
CA LEU A 179 -5.21 0.78 18.64
C LEU A 179 -5.39 -0.72 18.77
N ARG A 180 -6.44 -1.27 18.18
CA ARG A 180 -6.68 -2.71 18.26
C ARG A 180 -5.51 -3.47 17.65
N THR A 181 -5.30 -4.69 18.13
CA THR A 181 -4.25 -5.55 17.66
C THR A 181 -4.76 -7.00 17.67
N ASP A 182 -4.54 -7.69 16.57
CA ASP A 182 -4.90 -9.08 16.42
C ASP A 182 -3.59 -9.87 16.49
N SER A 183 -3.55 -10.85 17.36
CA SER A 183 -2.36 -11.66 17.55
C SER A 183 -2.18 -12.72 16.48
N PRO A 184 -0.95 -12.99 16.08
CA PRO A 184 -0.69 -13.99 15.07
C PRO A 184 -0.87 -15.41 15.60
N LYS A 185 -1.47 -16.25 14.77
CA LYS A 185 -1.68 -17.65 15.04
C LYS A 185 -0.56 -18.34 14.26
N ALA A 186 0.49 -18.70 14.98
CA ALA A 186 1.64 -19.30 14.35
C ALA A 186 1.60 -20.83 14.32
N HIS A 187 2.45 -21.39 13.47
CA HIS A 187 2.60 -22.83 13.33
C HIS A 187 3.74 -23.10 12.36
N VAL A 188 4.38 -24.25 12.51
CA VAL A 188 5.50 -24.60 11.64
C VAL A 188 5.16 -25.77 10.73
N THR A 189 5.57 -25.69 9.47
CA THR A 189 5.35 -26.73 8.48
C THR A 189 6.68 -27.40 8.10
N HIS A 190 6.59 -28.60 7.54
CA HIS A 190 7.75 -29.38 7.18
C HIS A 190 7.74 -29.65 5.69
N HIS A 191 8.88 -29.56 5.02
CA HIS A 191 8.87 -29.80 3.58
C HIS A 191 9.97 -30.73 3.08
N PRO A 192 9.64 -31.65 2.16
CA PRO A 192 10.57 -32.61 1.59
C PRO A 192 12.01 -32.19 1.35
N ARG A 193 12.82 -33.18 1.68
CA ARG A 193 14.26 -33.20 1.68
C ARG A 193 14.97 -33.21 0.33
N SER A 194 16.12 -32.57 0.34
CA SER A 194 17.05 -32.52 -0.77
C SER A 194 18.20 -33.25 -0.08
N LYS A 195 18.49 -34.47 -0.51
CA LYS A 195 19.53 -35.30 0.08
C LYS A 195 20.40 -34.60 1.11
N GLY A 196 20.05 -34.78 2.39
CA GLY A 196 20.79 -34.17 3.48
C GLY A 196 20.36 -32.75 3.85
N GLU A 197 19.07 -32.46 3.80
CA GLU A 197 18.48 -31.17 4.13
C GLU A 197 16.96 -31.14 3.90
N VAL A 198 16.23 -30.58 4.85
CA VAL A 198 14.78 -30.47 4.84
C VAL A 198 14.40 -29.02 5.11
N THR A 199 13.28 -28.52 4.58
CA THR A 199 12.92 -27.13 4.86
C THR A 199 11.90 -27.00 5.99
N LEU A 200 12.21 -26.11 6.94
CA LEU A 200 11.34 -25.80 8.05
C LEU A 200 10.79 -24.40 7.82
N ARG A 201 9.48 -24.30 7.71
CA ARG A 201 8.80 -23.03 7.45
C ARG A 201 7.97 -22.64 8.66
N CYS A 202 8.20 -21.43 9.17
CA CYS A 202 7.42 -20.95 10.32
C CYS A 202 6.37 -19.98 9.79
N TRP A 203 5.12 -20.31 10.08
CA TRP A 203 3.99 -19.50 9.65
C TRP A 203 3.36 -18.67 10.75
N ALA A 204 3.07 -17.41 10.41
CA ALA A 204 2.42 -16.49 11.32
C ALA A 204 1.24 -15.97 10.54
N LEU A 205 0.01 -16.29 10.98
CA LEU A 205 -1.16 -15.90 10.22
C LEU A 205 -2.26 -15.27 11.05
N GLY A 206 -2.95 -14.29 10.47
CA GLY A 206 -4.06 -13.63 11.12
C GLY A 206 -3.74 -12.49 12.08
N PHE A 207 -2.66 -11.76 11.79
CA PHE A 207 -2.26 -10.65 12.64
C PHE A 207 -2.56 -9.23 12.15
N TYR A 208 -2.67 -8.32 13.09
CA TYR A 208 -2.90 -6.91 12.76
C TYR A 208 -2.36 -6.11 13.95
N PRO A 209 -1.57 -5.06 13.70
CA PRO A 209 -1.11 -4.50 12.45
C PRO A 209 -0.07 -5.34 11.74
N ALA A 210 0.37 -4.84 10.59
CA ALA A 210 1.33 -5.54 9.73
C ALA A 210 2.69 -5.82 10.31
N ASP A 211 3.16 -4.99 11.23
CA ASP A 211 4.48 -5.15 11.84
C ASP A 211 4.58 -6.44 12.64
N ILE A 212 5.53 -7.27 12.25
CA ILE A 212 5.77 -8.56 12.86
C ILE A 212 7.25 -8.88 12.68
N THR A 213 7.78 -9.70 13.57
CA THR A 213 9.18 -10.10 13.49
C THR A 213 9.30 -11.61 13.69
N LEU A 214 9.80 -12.31 12.68
CA LEU A 214 9.95 -13.76 12.74
C LEU A 214 11.43 -14.12 12.73
N THR A 215 11.84 -15.08 13.55
CA THR A 215 13.23 -15.49 13.63
C THR A 215 13.42 -17.00 13.78
N TRP A 216 14.40 -17.51 13.05
CA TRP A 216 14.78 -18.91 13.13
C TRP A 216 16.13 -18.97 13.81
N GLN A 217 16.24 -19.88 14.77
CA GLN A 217 17.45 -20.02 15.55
C GLN A 217 17.88 -21.49 15.54
N LEU A 218 19.10 -21.70 15.97
CA LEU A 218 19.69 -23.03 16.09
C LEU A 218 20.39 -23.03 17.44
N ASN A 219 20.05 -23.99 18.29
CA ASN A 219 20.61 -24.10 19.63
C ASN A 219 20.80 -22.76 20.36
N GLY A 220 19.87 -21.84 20.15
CA GLY A 220 19.94 -20.52 20.77
C GLY A 220 20.54 -19.43 19.90
N GLU A 221 21.60 -19.76 19.16
CA GLU A 221 22.24 -18.79 18.28
C GLU A 221 21.34 -18.57 17.07
N GLU A 222 20.93 -17.32 16.86
CA GLU A 222 20.07 -17.03 15.73
C GLU A 222 20.82 -17.21 14.41
N LEU A 223 20.25 -18.01 13.53
CA LEU A 223 20.85 -18.22 12.21
C LEU A 223 20.12 -17.30 11.26
N THR A 224 20.85 -16.31 10.75
CA THR A 224 20.30 -15.34 9.80
C THR A 224 20.78 -15.71 8.40
N GLN A 225 21.88 -16.45 8.35
CA GLN A 225 22.45 -16.89 7.08
C GLN A 225 21.46 -17.81 6.37
N ASP A 226 21.18 -17.51 5.11
CA ASP A 226 20.30 -18.32 4.30
C ASP A 226 18.92 -18.55 4.92
N MET A 227 18.30 -17.46 5.36
CA MET A 227 16.94 -17.55 5.90
C MET A 227 16.06 -16.94 4.81
N GLU A 228 14.98 -17.62 4.48
CA GLU A 228 14.04 -17.17 3.46
C GLU A 228 12.83 -16.53 4.16
N LEU A 229 12.51 -15.30 3.77
CA LEU A 229 11.41 -14.58 4.39
C LEU A 229 10.57 -13.92 3.31
N VAL A 230 9.26 -13.97 3.45
CA VAL A 230 8.38 -13.30 2.50
C VAL A 230 8.03 -11.90 3.00
N GLU A 231 7.81 -10.97 2.08
CA GLU A 231 7.38 -9.63 2.41
C GLU A 231 5.98 -9.83 3.02
N THR A 232 5.71 -9.24 4.17
CA THR A 232 4.41 -9.38 4.82
C THR A 232 3.31 -9.16 3.79
N ARG A 233 2.28 -10.01 3.80
CA ARG A 233 1.22 -9.85 2.80
C ARG A 233 -0.14 -9.94 3.44
N PRO A 234 -1.09 -9.16 2.97
CA PRO A 234 -2.45 -9.18 3.50
C PRO A 234 -3.21 -10.45 3.13
N ALA A 235 -3.89 -11.03 4.09
CA ALA A 235 -4.72 -12.20 3.91
C ALA A 235 -5.95 -11.82 3.09
N GLY A 236 -6.29 -10.56 3.14
CA GLY A 236 -7.43 -10.06 2.38
C GLY A 236 -8.61 -9.85 3.31
N ASP A 237 -8.48 -10.27 4.55
CA ASP A 237 -9.56 -10.13 5.52
C ASP A 237 -9.20 -9.09 6.57
N GLY A 238 -8.22 -8.24 6.26
CA GLY A 238 -7.78 -7.23 7.20
C GLY A 238 -6.58 -7.63 8.05
N THR A 239 -6.23 -8.90 8.01
CA THR A 239 -5.09 -9.38 8.75
C THR A 239 -3.94 -9.61 7.76
N PHE A 240 -2.75 -9.85 8.29
CA PHE A 240 -1.57 -10.07 7.49
C PHE A 240 -1.01 -11.45 7.76
N GLN A 241 -0.09 -11.88 6.91
CA GLN A 241 0.55 -13.18 7.01
C GLN A 241 2.03 -12.97 6.74
N LYS A 242 2.79 -14.03 6.91
CA LYS A 242 4.21 -14.01 6.63
C LYS A 242 4.79 -15.36 7.01
N TRP A 243 6.03 -15.60 6.57
CA TRP A 243 6.72 -16.83 6.96
C TRP A 243 8.23 -16.75 6.82
N ALA A 244 8.88 -17.48 7.72
CA ALA A 244 10.32 -17.58 7.80
C ALA A 244 10.69 -19.04 7.49
N SER A 245 11.66 -19.26 6.60
CA SER A 245 12.02 -20.63 6.31
C SER A 245 13.53 -20.85 6.35
N VAL A 246 13.93 -22.04 6.77
CA VAL A 246 15.31 -22.45 6.81
C VAL A 246 15.44 -23.89 6.31
N VAL A 247 16.35 -24.12 5.35
CA VAL A 247 16.62 -25.46 4.85
C VAL A 247 17.57 -26.03 5.89
N VAL A 248 17.01 -26.86 6.74
CA VAL A 248 17.67 -27.46 7.88
C VAL A 248 18.26 -28.84 7.60
N PRO A 249 19.46 -29.12 8.12
CA PRO A 249 20.06 -30.45 7.95
C PRO A 249 19.29 -31.51 8.75
N LEU A 250 18.56 -32.36 8.05
CA LEU A 250 17.68 -33.37 8.63
C LEU A 250 18.25 -34.11 9.83
N GLY A 251 17.33 -34.65 10.64
CA GLY A 251 17.73 -35.33 11.87
C GLY A 251 17.75 -34.27 12.95
N LYS A 252 18.49 -33.19 12.70
CA LYS A 252 18.59 -32.07 13.60
C LYS A 252 17.41 -31.09 13.50
N GLU A 253 16.20 -31.59 13.34
CA GLU A 253 15.00 -30.78 13.20
C GLU A 253 14.68 -29.99 14.46
N GLN A 254 14.47 -30.74 15.54
CA GLN A 254 14.13 -30.18 16.84
C GLN A 254 15.13 -29.18 17.40
N ASN A 255 16.28 -29.04 16.76
CA ASN A 255 17.33 -28.11 17.13
C ASN A 255 17.00 -26.66 16.78
N TYR A 256 15.92 -26.45 16.04
CA TYR A 256 15.55 -25.13 15.59
C TYR A 256 14.25 -24.60 16.19
N THR A 257 14.35 -23.38 16.70
CA THR A 257 13.24 -22.68 17.34
C THR A 257 12.84 -21.49 16.51
N CYS A 258 11.56 -21.14 16.58
CA CYS A 258 11.07 -19.96 15.88
C CYS A 258 10.32 -19.10 16.87
N ARG A 259 10.65 -17.82 16.88
CA ARG A 259 9.98 -16.88 17.77
C ARG A 259 9.18 -15.92 16.89
N VAL A 260 8.09 -15.43 17.44
CA VAL A 260 7.23 -14.47 16.74
C VAL A 260 7.00 -13.35 17.73
N TYR A 261 7.30 -12.14 17.28
CA TYR A 261 7.11 -10.98 18.15
C TYR A 261 6.11 -10.07 17.45
N HIS A 262 5.04 -9.77 18.16
CA HIS A 262 3.99 -8.91 17.63
C HIS A 262 3.45 -8.12 18.81
N GLU A 263 3.03 -6.89 18.59
CA GLU A 263 2.48 -6.02 19.61
C GLU A 263 1.23 -6.61 20.24
N GLY A 264 0.54 -7.49 19.52
CA GLY A 264 -0.68 -8.07 20.03
C GLY A 264 -0.41 -9.21 20.99
N LEU A 265 0.80 -9.77 20.92
CA LEU A 265 1.21 -10.90 21.75
C LEU A 265 1.58 -10.50 23.19
N PRO A 266 1.06 -11.20 24.20
CA PRO A 266 1.38 -10.93 25.59
C PRO A 266 2.82 -11.37 25.91
N GLU A 267 3.29 -12.36 25.16
CA GLU A 267 4.62 -12.95 25.23
C GLU A 267 4.93 -13.47 23.83
N PRO A 268 6.16 -13.27 23.34
CA PRO A 268 6.51 -13.78 22.02
C PRO A 268 6.39 -15.30 21.95
N LEU A 269 5.85 -15.77 20.83
CA LEU A 269 5.67 -17.20 20.62
C LEU A 269 7.01 -17.85 20.28
N THR A 270 7.12 -19.11 20.64
CA THR A 270 8.29 -19.92 20.33
C THR A 270 7.70 -21.23 19.81
N LEU A 271 8.23 -21.69 18.70
CA LEU A 271 7.71 -22.91 18.09
C LEU A 271 8.86 -23.76 17.54
N ARG A 272 8.57 -25.03 17.33
CA ARG A 272 9.51 -26.00 16.82
C ARG A 272 8.74 -27.07 16.07
N TRP A 273 9.47 -27.98 15.44
CA TRP A 273 8.85 -29.08 14.72
C TRP A 273 9.06 -30.36 15.55
N MET B 1 7.84 5.17 -20.58
CA MET B 1 9.26 5.12 -20.11
C MET B 1 9.35 4.89 -18.60
N ILE B 2 8.47 5.52 -17.83
CA ILE B 2 8.53 5.56 -16.36
C ILE B 2 7.96 4.31 -15.68
N GLN B 3 8.24 3.15 -16.26
CA GLN B 3 7.72 1.89 -15.76
C GLN B 3 8.51 1.20 -14.64
N LYS B 4 7.78 0.57 -13.71
CA LYS B 4 8.37 -0.23 -12.63
C LYS B 4 7.67 -1.61 -12.60
N THR B 5 8.46 -2.68 -12.51
CA THR B 5 7.96 -4.06 -12.57
C THR B 5 7.35 -4.64 -11.31
N PRO B 6 6.08 -5.06 -11.41
CA PRO B 6 5.28 -5.66 -10.36
C PRO B 6 5.91 -6.86 -9.70
N GLN B 7 5.65 -7.02 -8.40
CA GLN B 7 6.14 -8.13 -7.62
C GLN B 7 4.91 -8.93 -7.23
N ILE B 8 4.92 -10.22 -7.55
CA ILE B 8 3.76 -11.05 -7.32
C ILE B 8 3.94 -12.10 -6.23
N GLN B 9 2.88 -12.27 -5.45
CA GLN B 9 2.83 -13.29 -4.41
C GLN B 9 1.45 -13.93 -4.53
N VAL B 10 1.41 -15.20 -4.91
CA VAL B 10 0.12 -15.90 -4.98
C VAL B 10 0.11 -16.75 -3.71
N TYR B 11 -0.96 -16.64 -2.96
CA TYR B 11 -1.09 -17.33 -1.69
C TYR B 11 -2.56 -17.33 -1.30
N SER B 12 -2.95 -18.27 -0.46
CA SER B 12 -4.35 -18.38 -0.02
C SER B 12 -4.52 -17.60 1.27
N ARG B 13 -5.76 -17.22 1.56
CA ARG B 13 -6.08 -16.51 2.79
C ARG B 13 -5.96 -17.38 4.03
N HIS B 14 -6.28 -18.66 3.91
CA HIS B 14 -6.17 -19.62 5.01
C HIS B 14 -5.31 -20.78 4.54
N PRO B 15 -4.71 -21.51 5.46
CA PRO B 15 -3.90 -22.67 5.02
C PRO B 15 -4.82 -23.69 4.31
N PRO B 16 -4.42 -24.16 3.12
CA PRO B 16 -5.13 -25.09 2.27
C PRO B 16 -5.41 -26.50 2.80
N GLU B 17 -6.59 -26.98 2.45
CA GLU B 17 -7.03 -28.32 2.77
C GLU B 17 -7.88 -28.69 1.56
N ASN B 18 -7.43 -29.66 0.79
CA ASN B 18 -8.12 -30.10 -0.41
C ASN B 18 -9.60 -30.36 -0.21
N GLY B 19 -10.42 -29.66 -0.99
CA GLY B 19 -11.85 -29.79 -0.89
C GLY B 19 -12.50 -28.69 -0.08
N LYS B 20 -11.72 -28.04 0.78
CA LYS B 20 -12.27 -26.96 1.57
C LYS B 20 -12.16 -25.67 0.78
N PRO B 21 -13.29 -25.04 0.45
CA PRO B 21 -13.28 -23.74 -0.22
C PRO B 21 -12.36 -22.78 0.51
N ASN B 22 -11.78 -21.82 -0.19
CA ASN B 22 -10.81 -20.93 0.41
C ASN B 22 -10.79 -19.72 -0.50
N ILE B 23 -9.79 -18.87 -0.35
CA ILE B 23 -9.68 -17.72 -1.24
C ILE B 23 -8.23 -17.60 -1.64
N LEU B 24 -8.01 -17.54 -2.95
CA LEU B 24 -6.66 -17.40 -3.47
C LEU B 24 -6.38 -15.91 -3.68
N ASN B 25 -5.23 -15.47 -3.19
CA ASN B 25 -4.84 -14.07 -3.32
C ASN B 25 -3.67 -13.87 -4.27
N CYS B 26 -3.65 -12.73 -4.93
CA CYS B 26 -2.56 -12.29 -5.78
C CYS B 26 -2.20 -10.84 -5.43
N TYR B 27 -1.19 -10.70 -4.61
CA TYR B 27 -0.73 -9.40 -4.13
C TYR B 27 0.33 -8.84 -5.05
N VAL B 28 -0.11 -8.05 -6.02
CA VAL B 28 0.80 -7.42 -6.97
C VAL B 28 1.25 -6.13 -6.29
N THR B 29 2.52 -5.82 -6.32
CA THR B 29 3.07 -4.66 -5.65
C THR B 29 4.20 -4.02 -6.45
N GLN B 30 4.73 -2.87 -6.01
CA GLN B 30 5.86 -2.23 -6.68
C GLN B 30 5.73 -1.86 -8.15
N PHE B 31 4.58 -1.41 -8.61
CA PHE B 31 4.46 -1.07 -10.02
C PHE B 31 4.08 0.38 -10.31
N HIS B 32 4.41 0.83 -11.51
CA HIS B 32 4.12 2.16 -12.01
C HIS B 32 4.29 2.09 -13.52
N PRO B 33 3.35 2.62 -14.28
CA PRO B 33 2.11 3.32 -13.99
C PRO B 33 1.08 2.50 -13.24
N PRO B 34 0.05 3.15 -12.68
CA PRO B 34 -1.02 2.48 -11.96
C PRO B 34 -1.93 1.61 -12.82
N HIS B 35 -1.66 1.50 -14.11
CA HIS B 35 -2.50 0.66 -14.95
C HIS B 35 -1.88 -0.72 -15.13
N ILE B 36 -2.61 -1.73 -14.68
CA ILE B 36 -2.15 -3.11 -14.73
C ILE B 36 -3.36 -4.01 -15.04
N GLU B 37 -3.13 -5.28 -15.31
CA GLU B 37 -4.20 -6.25 -15.59
C GLU B 37 -3.78 -7.57 -14.96
N ILE B 38 -4.50 -8.02 -13.94
CA ILE B 38 -4.14 -9.25 -13.25
C ILE B 38 -5.13 -10.35 -13.51
N GLN B 39 -4.61 -11.48 -13.95
CA GLN B 39 -5.46 -12.63 -14.25
C GLN B 39 -5.14 -13.75 -13.30
N MET B 40 -6.18 -14.33 -12.74
CA MET B 40 -6.05 -15.49 -11.86
C MET B 40 -6.43 -16.66 -12.77
N LEU B 41 -5.60 -17.69 -12.83
CA LEU B 41 -5.90 -18.86 -13.66
C LEU B 41 -6.07 -20.12 -12.82
N LYS B 42 -6.60 -21.15 -13.46
CA LYS B 42 -6.79 -22.48 -12.89
C LYS B 42 -6.72 -23.42 -14.07
N ASN B 43 -5.76 -24.33 -14.05
CA ASN B 43 -5.57 -25.30 -15.12
C ASN B 43 -5.43 -24.63 -16.48
N GLY B 44 -4.98 -23.38 -16.48
CA GLY B 44 -4.76 -22.64 -17.70
C GLY B 44 -5.99 -21.90 -18.15
N LYS B 45 -6.99 -21.78 -17.30
CA LYS B 45 -8.19 -21.08 -17.68
C LYS B 45 -8.37 -19.87 -16.78
N LYS B 46 -8.65 -18.75 -17.40
CA LYS B 46 -8.89 -17.50 -16.70
C LYS B 46 -10.09 -17.74 -15.79
N ILE B 47 -9.92 -17.49 -14.49
CA ILE B 47 -11.02 -17.62 -13.55
C ILE B 47 -11.92 -16.40 -13.78
N PRO B 48 -13.19 -16.62 -14.13
CA PRO B 48 -14.19 -15.59 -14.42
C PRO B 48 -14.35 -14.45 -13.42
N LYS B 49 -14.70 -14.74 -12.17
CA LYS B 49 -14.86 -13.63 -11.23
C LYS B 49 -13.70 -13.50 -10.27
N VAL B 50 -12.84 -12.53 -10.57
CA VAL B 50 -11.66 -12.20 -9.81
C VAL B 50 -11.91 -10.79 -9.28
N GLU B 51 -11.98 -10.67 -7.96
CA GLU B 51 -12.23 -9.40 -7.31
C GLU B 51 -10.92 -8.70 -6.95
N MET B 52 -10.79 -7.47 -7.40
CA MET B 52 -9.59 -6.69 -7.10
C MET B 52 -9.86 -5.56 -6.12
N SER B 53 -8.83 -5.26 -5.33
CA SER B 53 -8.94 -4.19 -4.35
C SER B 53 -8.70 -2.85 -5.03
N ASP B 54 -8.99 -1.78 -4.29
CA ASP B 54 -8.83 -0.44 -4.82
C ASP B 54 -7.36 -0.08 -4.91
N MET B 55 -7.05 0.82 -5.85
CA MET B 55 -5.68 1.24 -6.10
C MET B 55 -5.08 2.09 -4.99
N SER B 56 -3.95 1.66 -4.47
CA SER B 56 -3.26 2.40 -3.45
C SER B 56 -1.77 2.45 -3.75
N PHE B 57 -1.08 3.47 -3.21
CA PHE B 57 0.36 3.54 -3.41
C PHE B 57 1.06 3.79 -2.11
N SER B 58 2.34 3.45 -2.10
CA SER B 58 3.10 3.63 -0.86
C SER B 58 4.09 4.79 -0.92
N LYS B 59 4.91 4.89 0.10
CA LYS B 59 5.83 6.02 0.23
C LYS B 59 6.75 6.25 -0.95
N ASP B 60 7.09 5.20 -1.69
CA ASP B 60 7.97 5.34 -2.84
C ASP B 60 7.21 5.55 -4.13
N TRP B 61 5.98 6.03 -4.02
CA TRP B 61 5.10 6.33 -5.13
C TRP B 61 4.61 5.10 -5.91
N SER B 62 5.15 3.93 -5.61
CA SER B 62 4.72 2.74 -6.35
C SER B 62 3.37 2.22 -5.84
N PHE B 63 2.59 1.64 -6.72
CA PHE B 63 1.28 1.09 -6.41
C PHE B 63 1.25 -0.41 -6.04
N TYR B 64 0.14 -0.82 -5.43
CA TYR B 64 -0.04 -2.19 -5.05
C TYR B 64 -1.52 -2.48 -5.12
N ILE B 65 -1.86 -3.75 -5.34
CA ILE B 65 -3.25 -4.12 -5.49
C ILE B 65 -3.35 -5.58 -5.06
N LEU B 66 -4.50 -5.95 -4.52
CA LEU B 66 -4.71 -7.33 -4.09
C LEU B 66 -5.83 -7.94 -4.92
N ALA B 67 -5.48 -8.88 -5.78
CA ALA B 67 -6.52 -9.53 -6.59
C ALA B 67 -6.79 -10.86 -5.89
N HIS B 68 -8.06 -11.15 -5.65
CA HIS B 68 -8.44 -12.39 -4.96
C HIS B 68 -9.66 -13.08 -5.63
N THR B 69 -9.89 -14.33 -5.28
CA THR B 69 -10.98 -15.13 -5.85
C THR B 69 -11.28 -16.34 -4.98
N GLU B 70 -12.43 -16.96 -5.20
CA GLU B 70 -12.83 -18.13 -4.42
C GLU B 70 -12.17 -19.32 -5.11
N PHE B 71 -11.51 -20.19 -4.37
CA PHE B 71 -10.91 -21.35 -4.99
C PHE B 71 -11.00 -22.49 -3.99
N THR B 72 -10.96 -23.70 -4.52
CA THR B 72 -11.07 -24.89 -3.70
C THR B 72 -9.88 -25.75 -4.09
N PRO B 73 -8.84 -25.70 -3.26
CA PRO B 73 -7.62 -26.45 -3.48
C PRO B 73 -7.76 -27.96 -3.52
N THR B 74 -7.21 -28.56 -4.57
CA THR B 74 -7.20 -30.01 -4.75
C THR B 74 -5.76 -30.32 -5.11
N GLU B 75 -5.42 -31.58 -5.24
CA GLU B 75 -4.04 -31.94 -5.57
C GLU B 75 -3.75 -31.86 -7.07
N THR B 76 -4.79 -32.02 -7.87
CA THR B 76 -4.72 -32.02 -9.32
C THR B 76 -4.71 -30.64 -9.95
N ASP B 77 -5.66 -29.81 -9.54
CA ASP B 77 -5.78 -28.47 -10.12
C ASP B 77 -4.66 -27.54 -9.71
N THR B 78 -4.21 -26.75 -10.65
CA THR B 78 -3.15 -25.77 -10.44
C THR B 78 -3.75 -24.38 -10.61
N TYR B 79 -3.27 -23.42 -9.85
CA TYR B 79 -3.77 -22.04 -9.93
C TYR B 79 -2.59 -21.14 -10.16
N ALA B 80 -2.81 -19.94 -10.67
CA ALA B 80 -1.70 -19.03 -10.91
C ALA B 80 -2.17 -17.62 -11.17
N CYS B 81 -1.22 -16.69 -11.27
CA CYS B 81 -1.55 -15.28 -11.52
C CYS B 81 -0.71 -14.77 -12.68
N ARG B 82 -1.38 -14.20 -13.68
CA ARG B 82 -0.76 -13.67 -14.87
C ARG B 82 -0.96 -12.16 -14.83
N VAL B 83 0.14 -11.43 -14.70
CA VAL B 83 0.08 -9.98 -14.65
C VAL B 83 0.61 -9.33 -15.91
N LYS B 84 -0.16 -8.41 -16.46
CA LYS B 84 0.24 -7.69 -17.65
C LYS B 84 0.34 -6.21 -17.30
N HIS B 85 1.51 -5.65 -17.54
CA HIS B 85 1.84 -4.25 -17.25
C HIS B 85 2.79 -3.72 -18.32
N ASP B 86 2.83 -2.41 -18.53
CA ASP B 86 3.70 -1.80 -19.53
C ASP B 86 5.19 -1.77 -19.22
N SER B 87 5.57 -2.03 -17.99
CA SER B 87 6.96 -2.11 -17.60
C SER B 87 7.59 -3.42 -18.05
N MET B 88 6.78 -4.35 -18.50
CA MET B 88 7.20 -5.67 -18.95
C MET B 88 6.88 -5.92 -20.41
N ALA B 89 7.72 -6.67 -21.11
CA ALA B 89 7.46 -6.97 -22.52
C ALA B 89 6.38 -8.04 -22.64
N GLU B 90 6.41 -8.97 -21.70
CA GLU B 90 5.45 -10.08 -21.70
C GLU B 90 4.84 -10.24 -20.31
N PRO B 91 3.72 -10.96 -20.22
CA PRO B 91 3.07 -11.16 -18.93
C PRO B 91 3.94 -12.00 -18.03
N LYS B 92 3.70 -11.87 -16.74
CA LYS B 92 4.45 -12.64 -15.77
C LYS B 92 3.37 -13.50 -15.12
N THR B 93 3.59 -14.81 -15.11
CA THR B 93 2.60 -15.70 -14.53
C THR B 93 3.24 -16.54 -13.46
N VAL B 94 2.85 -16.33 -12.20
CA VAL B 94 3.43 -17.13 -11.13
C VAL B 94 2.34 -18.07 -10.60
N TYR B 95 2.76 -19.28 -10.26
CA TYR B 95 1.89 -20.34 -9.79
C TYR B 95 1.75 -20.42 -8.28
N TRP B 96 0.55 -20.79 -7.83
CA TRP B 96 0.30 -20.98 -6.42
C TRP B 96 1.03 -22.21 -5.96
N ASP B 97 1.66 -22.14 -4.80
CA ASP B 97 2.39 -23.26 -4.22
C ASP B 97 1.72 -23.51 -2.88
N ARG B 98 1.32 -24.74 -2.61
CA ARG B 98 0.66 -25.05 -1.35
C ARG B 98 1.58 -24.75 -0.18
N ASP B 99 2.86 -25.07 -0.33
CA ASP B 99 3.89 -24.93 0.69
C ASP B 99 4.45 -23.54 0.93
N MET B 100 3.99 -22.56 0.16
CA MET B 100 4.51 -21.21 0.27
C MET B 100 3.42 -20.16 0.29
N PHE C 1 -9.83 16.03 7.27
CA PHE C 1 -9.98 17.28 6.50
C PHE C 1 -8.97 17.28 5.36
N ALA C 2 -9.47 17.28 4.15
CA ALA C 2 -8.64 17.20 2.95
C ALA C 2 -8.00 18.51 2.51
N PRO C 3 -6.98 18.42 1.64
CA PRO C 3 -6.31 19.59 1.09
C PRO C 3 -7.25 20.56 0.36
N GLY C 4 -6.85 21.83 0.21
CA GLY C 4 -7.71 22.82 -0.42
C GLY C 4 -7.11 23.56 -1.61
N VAL C 5 -7.44 24.84 -1.76
CA VAL C 5 -6.94 25.69 -2.85
C VAL C 5 -5.41 25.81 -2.86
N PHE C 6 -4.79 26.09 -4.02
CA PHE C 6 -3.32 26.14 -4.14
C PHE C 6 -2.85 26.50 -5.57
N PRO C 7 -1.74 27.23 -5.73
CA PRO C 7 -1.16 27.57 -7.03
C PRO C 7 -0.68 26.37 -7.84
N TYR C 8 -0.96 26.39 -9.14
CA TYR C 8 -0.62 25.30 -10.05
C TYR C 8 0.86 25.03 -10.21
N MET C 9 1.18 23.89 -10.78
CA MET C 9 2.56 23.50 -11.04
C MET C 9 2.99 24.14 -12.34
#